data_1CPY
#
_entry.id   1CPY
#
_cell.length_a   112.000
_cell.length_b   112.000
_cell.length_c   112.000
_cell.angle_alpha   90.00
_cell.angle_beta   90.00
_cell.angle_gamma   90.00
#
_symmetry.space_group_name_H-M   'P 21 3'
#
loop_
_entity.id
_entity.type
_entity.pdbx_description
1 polymer 'SERINE CARBOXYPEPTIDASE'
2 non-polymer 2-acetamido-2-deoxy-beta-D-glucopyranose
3 water water
#
_entity_poly.entity_id   1
_entity_poly.type   'polypeptide(L)'
_entity_poly.pdbx_seq_one_letter_code
;KIKDPKILGIDPNVTQYTGYLDVEDEDKHFFFWTFESRNDPAKDPVILWLNGGPGCSSLTGLFFALGPSSIGPDLKPIGN
PYSWNSNATVIFLDQPVNVGFSYSGSSGVSNTVAAGKDVYNFLELFFDQFPEYVNKGQDFHIAGASYAGHYIPVFASEIL
SHKDRNFNLTSVLIGNGLTDPLTQYNYYEPMACGEGGEPSVLPSEECSAMEDSLERCLGLIESCYDSQSVWSCVPATIYC
NNAQLAPYQRTGRNVYDIRKDCEGGNLCYPTLQDIDDYLNQDYVKEAVGAEVDHYESCNFDINRNFLFAGDWMKPYHTAV
TDLLNQDLPILVYAGDKDFICNWLGNKAWTDVLPWKYDEEFASQKVRNWTASITDEVAGEVKSYKHFTYLRVFNGGHMVP
FDVPENALSMVNEWIHGGFSL
;
_entity_poly.pdbx_strand_id   A
#
loop_
_chem_comp.id
_chem_comp.type
_chem_comp.name
_chem_comp.formula
NAG D-saccharide, beta linking 2-acetamido-2-deoxy-beta-D-glucopyranose 'C8 H15 N O6'
#
# COMPACT_ATOMS: atom_id res chain seq x y z
N LYS A 1 13.04 -6.89 21.66
CA LYS A 1 12.82 -8.18 22.37
C LYS A 1 11.47 -8.67 22.01
N ILE A 2 11.38 -9.82 21.42
CA ILE A 2 10.09 -10.27 20.95
C ILE A 2 9.10 -11.02 21.87
N LYS A 3 7.79 -10.78 21.78
CA LYS A 3 6.83 -11.56 22.54
C LYS A 3 6.04 -12.37 21.56
N ASP A 4 4.88 -12.88 22.00
CA ASP A 4 3.99 -13.66 21.17
C ASP A 4 2.58 -13.21 21.36
N PRO A 5 1.97 -12.80 20.24
CA PRO A 5 0.59 -12.41 20.27
C PRO A 5 -0.20 -13.57 20.80
N LYS A 6 0.44 -14.78 20.75
CA LYS A 6 0.04 -16.08 21.21
C LYS A 6 -1.02 -15.81 22.28
N ILE A 7 -0.53 -15.19 23.39
CA ILE A 7 -1.32 -14.72 24.53
C ILE A 7 -2.61 -13.92 24.17
N LEU A 8 -2.57 -13.16 22.99
CA LEU A 8 -3.64 -12.25 22.44
C LEU A 8 -4.85 -12.99 21.83
N GLY A 9 -5.91 -12.23 21.60
CA GLY A 9 -7.07 -12.77 20.98
C GLY A 9 -6.66 -13.34 19.63
N ILE A 10 -6.55 -12.45 18.66
CA ILE A 10 -6.17 -12.68 17.28
C ILE A 10 -6.26 -14.16 16.74
N ASP A 11 -5.50 -14.49 15.67
CA ASP A 11 -5.48 -15.81 15.05
C ASP A 11 -4.83 -16.91 15.90
N PRO A 12 -5.65 -17.91 16.22
CA PRO A 12 -5.32 -19.10 17.02
C PRO A 12 -4.42 -20.10 16.35
N ASN A 13 -5.03 -21.30 16.13
CA ASN A 13 -4.47 -22.54 15.52
C ASN A 13 -3.17 -22.44 14.73
N VAL A 14 -2.88 -21.16 14.32
CA VAL A 14 -1.77 -20.64 13.53
C VAL A 14 -0.37 -20.83 14.15
N THR A 15 0.09 -19.70 14.73
CA THR A 15 1.39 -19.49 15.36
C THR A 15 1.94 -18.17 14.88
N GLN A 16 1.54 -17.16 15.62
CA GLN A 16 1.83 -15.79 15.38
C GLN A 16 3.00 -15.27 16.26
N TYR A 17 3.95 -14.53 15.69
CA TYR A 17 5.03 -13.95 16.45
C TYR A 17 5.01 -12.42 16.23
N THR A 18 5.40 -11.64 17.27
CA THR A 18 5.37 -10.18 17.14
C THR A 18 6.40 -9.53 18.00
N GLY A 19 6.56 -8.22 17.87
CA GLY A 19 7.57 -7.53 18.67
C GLY A 19 8.48 -6.58 17.87
N TYR A 20 9.80 -6.59 18.12
CA TYR A 20 10.73 -5.60 17.54
C TYR A 20 12.10 -6.03 17.10
N LEU A 21 12.51 -5.47 15.94
CA LEU A 21 13.86 -5.65 15.50
C LEU A 21 14.62 -4.43 15.79
N ASP A 22 15.75 -4.61 16.46
CA ASP A 22 16.59 -3.49 16.82
C ASP A 22 17.81 -3.21 15.89
N VAL A 23 18.00 -1.91 15.63
CA VAL A 23 19.08 -1.37 14.82
C VAL A 23 19.90 -0.32 15.56
N GLU A 24 20.61 -0.97 16.48
CA GLU A 24 21.61 -0.45 17.38
C GLU A 24 22.08 1.00 17.09
N ASP A 25 22.98 1.05 16.11
CA ASP A 25 23.63 2.23 15.60
C ASP A 25 22.69 3.32 15.28
N GLU A 26 21.77 3.04 14.42
CA GLU A 26 20.89 4.08 14.08
C GLU A 26 19.88 4.29 15.24
N ASP A 27 19.86 3.37 16.21
CA ASP A 27 18.89 3.47 17.27
C ASP A 27 17.51 3.49 16.66
N LYS A 28 17.30 2.60 15.69
CA LYS A 28 15.98 2.52 15.11
C LYS A 28 15.29 1.21 15.60
N HIS A 29 14.03 1.32 16.11
CA HIS A 29 13.26 0.18 16.64
C HIS A 29 12.05 -0.18 15.78
N PHE A 30 12.24 -1.09 14.91
CA PHE A 30 11.21 -1.53 14.02
C PHE A 30 10.14 -2.33 14.72
N PHE A 31 8.93 -2.34 14.33
CA PHE A 31 7.97 -3.17 15.01
C PHE A 31 7.25 -3.97 13.91
N PHE A 32 6.88 -5.24 14.19
CA PHE A 32 6.19 -6.11 13.24
C PHE A 32 5.32 -6.98 14.07
N TRP A 33 4.40 -7.61 13.38
CA TRP A 33 3.37 -8.48 13.90
C TRP A 33 3.28 -9.47 12.76
N THR A 34 3.58 -10.76 13.00
CA THR A 34 3.56 -11.75 11.95
C THR A 34 2.53 -12.85 12.18
N PHE A 35 2.35 -13.65 11.18
CA PHE A 35 1.45 -14.76 11.20
C PHE A 35 1.90 -15.93 10.26
N GLU A 36 1.77 -17.21 10.69
CA GLU A 36 2.18 -18.26 9.78
C GLU A 36 1.08 -18.48 8.77
N SER A 37 1.34 -19.14 7.68
CA SER A 37 0.25 -19.29 6.75
C SER A 37 -0.84 -20.16 7.38
N ARG A 38 -2.09 -20.02 7.01
CA ARG A 38 -3.03 -20.88 7.70
C ARG A 38 -2.92 -22.35 7.20
N ASN A 39 -2.25 -22.49 6.09
CA ASN A 39 -2.12 -23.76 5.47
C ASN A 39 -0.84 -24.40 5.92
N ASP A 40 0.19 -24.29 5.11
CA ASP A 40 1.47 -24.87 5.46
C ASP A 40 2.60 -23.86 5.35
N PRO A 41 3.04 -23.45 6.50
CA PRO A 41 4.00 -22.40 6.56
C PRO A 41 5.31 -22.63 5.79
N ALA A 42 5.52 -23.91 5.51
CA ALA A 42 6.71 -24.40 4.87
C ALA A 42 6.71 -24.23 3.35
N LYS A 43 5.57 -24.41 2.72
CA LYS A 43 5.56 -24.20 1.28
C LYS A 43 5.14 -22.76 1.04
N ASP A 44 3.91 -22.39 1.50
CA ASP A 44 3.34 -21.02 1.46
C ASP A 44 4.36 -19.86 1.56
N PRO A 45 4.29 -18.96 0.57
CA PRO A 45 5.20 -17.84 0.51
C PRO A 45 5.04 -16.86 1.72
N VAL A 46 5.85 -15.84 1.69
CA VAL A 46 5.86 -14.82 2.67
C VAL A 46 5.55 -13.48 2.00
N ILE A 47 4.95 -12.61 2.82
CA ILE A 47 4.43 -11.34 2.38
C ILE A 47 4.62 -10.21 3.39
N LEU A 48 5.28 -9.08 2.89
CA LEU A 48 5.50 -7.76 3.53
C LEU A 48 4.34 -6.83 3.19
N TRP A 49 3.63 -6.48 4.20
CA TRP A 49 2.51 -5.69 3.83
C TRP A 49 2.72 -4.31 4.17
N LEU A 50 2.43 -3.44 3.24
CA LEU A 50 2.75 -2.06 3.51
C LEU A 50 1.59 -1.10 3.42
N ASN A 51 1.42 -0.28 4.43
CA ASN A 51 0.33 0.71 4.39
C ASN A 51 0.89 2.10 3.87
N GLY A 52 0.06 3.14 3.64
CA GLY A 52 0.71 4.40 3.15
C GLY A 52 0.96 5.64 4.06
N GLY A 53 0.30 6.76 3.67
CA GLY A 53 0.35 8.02 4.44
C GLY A 53 0.79 9.22 3.63
N PRO A 54 2.05 9.54 3.81
CA PRO A 54 3.01 8.77 4.49
C PRO A 54 2.88 8.84 5.97
N GLY A 55 3.48 7.90 6.68
CA GLY A 55 3.44 7.99 8.13
C GLY A 55 2.18 7.39 8.75
N CYS A 56 1.62 6.26 8.24
CA CYS A 56 0.47 5.54 8.83
C CYS A 56 0.84 4.07 9.26
N SER A 57 0.32 3.60 10.40
CA SER A 57 0.63 2.27 10.92
C SER A 57 0.11 1.14 10.05
N SER A 58 0.85 -0.02 9.87
CA SER A 58 0.40 -1.14 9.03
C SER A 58 -0.65 -2.07 9.70
N LEU A 59 -0.71 -1.98 11.04
CA LEU A 59 -1.68 -2.73 11.77
C LEU A 59 -3.09 -2.36 11.28
N THR A 60 -3.13 -1.23 10.63
CA THR A 60 -4.28 -0.67 10.08
C THR A 60 -4.83 -1.56 9.02
N GLY A 61 -3.98 -2.08 8.18
CA GLY A 61 -4.60 -2.93 7.16
C GLY A 61 -4.97 -4.26 7.80
N LEU A 62 -4.17 -4.64 8.80
CA LEU A 62 -4.32 -5.86 9.53
C LEU A 62 -5.68 -5.92 10.20
N PHE A 63 -6.04 -4.95 10.95
CA PHE A 63 -7.33 -5.13 11.54
C PHE A 63 -8.28 -4.43 10.71
N PHE A 64 -8.30 -4.56 9.40
CA PHE A 64 -9.28 -3.68 8.77
C PHE A 64 -9.61 -3.95 7.34
N ALA A 65 -8.66 -4.58 6.64
CA ALA A 65 -8.83 -4.89 5.25
C ALA A 65 -8.34 -6.27 4.90
N LEU A 66 -7.29 -6.73 5.49
CA LEU A 66 -6.79 -8.02 5.00
C LEU A 66 -6.14 -8.95 6.02
N GLY A 67 -6.38 -8.72 7.30
CA GLY A 67 -5.83 -9.53 8.34
C GLY A 67 -6.84 -10.57 8.85
N PRO A 68 -6.34 -11.36 9.81
CA PRO A 68 -7.05 -12.39 10.47
C PRO A 68 -8.27 -11.85 11.24
N SER A 69 -8.00 -10.78 12.00
CA SER A 69 -9.03 -10.18 12.78
C SER A 69 -9.22 -8.66 12.57
N SER A 70 -10.45 -8.26 12.94
CA SER A 70 -10.93 -6.90 12.93
C SER A 70 -11.40 -6.53 14.32
N ILE A 71 -11.83 -5.26 14.43
CA ILE A 71 -12.22 -4.67 15.71
C ILE A 71 -13.54 -3.92 15.67
N GLY A 72 -14.45 -4.41 16.54
CA GLY A 72 -15.80 -3.88 16.71
C GLY A 72 -15.95 -3.22 18.07
N PRO A 73 -16.93 -2.30 18.23
CA PRO A 73 -17.22 -1.56 19.49
C PRO A 73 -16.84 -2.29 20.76
N ASP A 74 -16.96 -3.57 20.66
CA ASP A 74 -16.66 -4.41 21.75
C ASP A 74 -15.16 -4.54 21.93
N LEU A 75 -14.42 -3.89 21.07
CA LEU A 75 -12.95 -3.86 21.11
C LEU A 75 -12.41 -5.23 21.37
N LYS A 76 -13.15 -6.16 20.73
CA LYS A 76 -12.90 -7.59 20.72
C LYS A 76 -12.71 -8.05 19.28
N PRO A 77 -11.61 -8.72 19.13
CA PRO A 77 -11.18 -9.28 17.89
C PRO A 77 -12.32 -9.93 17.09
N ILE A 78 -12.12 -10.18 15.80
CA ILE A 78 -13.13 -10.88 15.00
C ILE A 78 -12.55 -11.54 13.77
N GLY A 79 -12.73 -12.87 13.69
CA GLY A 79 -12.22 -13.69 12.58
C GLY A 79 -12.54 -13.22 11.15
N ASN A 80 -11.51 -13.24 10.31
CA ASN A 80 -11.75 -12.89 8.93
C ASN A 80 -11.96 -14.11 8.07
N PRO A 81 -13.17 -14.18 7.53
CA PRO A 81 -13.66 -15.27 6.72
C PRO A 81 -13.10 -15.20 5.30
N TYR A 82 -11.99 -14.38 5.18
CA TYR A 82 -11.23 -14.10 3.96
C TYR A 82 -9.81 -13.50 4.12
N SER A 83 -9.14 -13.73 5.28
CA SER A 83 -7.75 -13.23 5.53
C SER A 83 -6.66 -13.54 4.44
N TRP A 84 -5.64 -12.69 4.36
CA TRP A 84 -4.60 -12.78 3.38
C TRP A 84 -3.63 -13.96 3.60
N ASN A 85 -3.59 -14.37 4.85
CA ASN A 85 -2.69 -15.45 5.22
C ASN A 85 -3.43 -16.81 5.21
N SER A 86 -4.60 -16.80 4.59
CA SER A 86 -5.37 -17.99 4.36
C SER A 86 -4.44 -19.06 3.75
N ASN A 87 -3.45 -18.53 3.01
CA ASN A 87 -2.51 -19.35 2.26
C ASN A 87 -1.05 -18.81 2.10
N ALA A 88 -0.51 -18.27 3.22
CA ALA A 88 0.78 -17.63 3.23
C ALA A 88 1.03 -16.95 4.56
N THR A 89 2.28 -17.00 5.02
CA THR A 89 2.69 -16.31 6.24
C THR A 89 2.82 -14.82 5.89
N VAL A 90 2.30 -13.93 6.73
CA VAL A 90 2.33 -12.49 6.51
C VAL A 90 3.07 -11.62 7.54
N ILE A 91 3.74 -10.57 7.06
CA ILE A 91 4.39 -9.65 7.97
C ILE A 91 3.87 -8.24 7.83
N PHE A 92 3.61 -7.65 9.02
CA PHE A 92 3.02 -6.33 9.21
C PHE A 92 3.95 -5.32 9.93
N LEU A 93 4.82 -4.74 9.16
CA LEU A 93 5.80 -3.78 9.60
C LEU A 93 5.24 -2.41 9.90
N ASP A 94 5.82 -1.70 10.89
CA ASP A 94 5.39 -0.33 11.19
C ASP A 94 6.46 0.70 10.80
N GLN A 95 6.58 0.92 9.48
CA GLN A 95 7.43 1.90 8.90
C GLN A 95 6.57 3.06 8.48
N PRO A 96 7.17 4.20 8.54
CA PRO A 96 8.58 4.21 8.94
C PRO A 96 8.82 4.34 10.42
N VAL A 97 9.99 4.81 10.76
CA VAL A 97 10.30 5.00 12.18
C VAL A 97 9.42 6.07 12.89
N ASN A 98 8.66 5.68 13.90
CA ASN A 98 7.80 6.53 14.70
C ASN A 98 6.39 6.44 14.29
N VAL A 99 6.25 5.46 13.46
CA VAL A 99 4.96 5.17 12.92
C VAL A 99 4.32 4.07 13.74
N GLY A 100 2.97 4.23 14.01
CA GLY A 100 2.21 3.30 14.79
C GLY A 100 3.07 2.89 16.01
N PHE A 101 3.49 1.66 15.98
CA PHE A 101 4.35 1.13 17.05
C PHE A 101 5.89 1.29 16.92
N SER A 102 6.51 1.70 15.82
CA SER A 102 7.94 1.71 15.97
C SER A 102 8.41 3.01 16.54
N TYR A 103 9.74 3.19 16.55
CA TYR A 103 10.26 4.42 17.13
C TYR A 103 11.75 4.51 17.12
N SER A 104 12.17 5.69 17.51
CA SER A 104 13.53 6.11 17.68
C SER A 104 13.63 7.35 18.65
N GLY A 105 14.85 7.83 18.95
CA GLY A 105 14.95 9.02 19.81
C GLY A 105 15.21 10.25 18.95
N SER A 106 15.96 9.96 17.90
CA SER A 106 16.37 10.96 16.99
C SER A 106 16.66 10.42 15.63
N SER A 107 15.86 10.77 14.70
CA SER A 107 16.26 10.30 13.43
C SER A 107 15.81 11.22 12.35
N GLY A 108 15.45 10.56 11.26
CA GLY A 108 15.05 11.18 10.04
C GLY A 108 13.83 10.57 9.41
N VAL A 109 14.07 9.87 8.33
CA VAL A 109 13.02 9.46 7.46
C VAL A 109 12.14 10.67 7.12
N SER A 110 12.70 11.60 6.38
CA SER A 110 11.96 12.78 5.96
C SER A 110 11.70 12.59 4.44
N ASN A 111 11.84 11.34 4.00
CA ASN A 111 11.79 10.94 2.59
C ASN A 111 11.86 9.43 2.31
N THR A 112 11.56 9.05 1.02
CA THR A 112 11.47 7.63 0.61
C THR A 112 12.73 6.82 0.45
N VAL A 113 13.68 7.43 -0.30
CA VAL A 113 14.90 6.75 -0.62
C VAL A 113 15.50 6.18 0.61
N ALA A 114 15.31 6.89 1.61
CA ALA A 114 15.82 6.44 2.87
C ALA A 114 14.89 5.51 3.68
N ALA A 115 13.59 5.50 3.43
CA ALA A 115 12.82 4.65 4.28
C ALA A 115 13.22 3.21 3.96
N GLY A 116 13.40 3.00 2.61
CA GLY A 116 13.78 1.75 1.96
C GLY A 116 14.99 1.25 2.74
N LYS A 117 15.96 2.16 2.78
CA LYS A 117 17.16 1.87 3.57
C LYS A 117 16.85 1.36 4.95
N ASP A 118 15.87 1.82 5.64
CA ASP A 118 15.74 1.10 6.85
C ASP A 118 14.98 -0.13 6.63
N VAL A 119 14.35 -0.27 5.52
CA VAL A 119 13.61 -1.45 5.49
C VAL A 119 14.49 -2.63 5.25
N TYR A 120 15.33 -2.47 4.28
CA TYR A 120 16.20 -3.54 3.98
C TYR A 120 17.01 -3.98 5.15
N ASN A 121 17.24 -3.07 6.10
CA ASN A 121 17.93 -3.49 7.28
C ASN A 121 17.04 -4.25 8.18
N PHE A 122 15.79 -4.01 8.09
CA PHE A 122 15.11 -4.81 8.98
C PHE A 122 14.87 -6.18 8.37
N LEU A 123 14.49 -6.26 7.08
CA LEU A 123 14.19 -7.55 6.42
C LEU A 123 15.35 -8.49 6.53
N GLU A 124 16.52 -7.93 6.35
CA GLU A 124 17.68 -8.69 6.52
C GLU A 124 17.83 -9.25 7.95
N LEU A 125 17.53 -8.46 9.03
CA LEU A 125 17.46 -8.92 10.45
C LEU A 125 16.50 -10.05 10.43
N PHE A 126 15.23 -9.71 10.55
CA PHE A 126 14.09 -10.62 10.50
C PHE A 126 14.36 -11.90 9.73
N PHE A 127 14.93 -11.83 8.54
CA PHE A 127 15.10 -13.10 7.86
C PHE A 127 16.06 -13.97 8.55
N ASP A 128 16.91 -13.36 9.34
CA ASP A 128 17.92 -14.09 10.08
C ASP A 128 17.35 -14.92 11.17
N GLN A 129 16.57 -14.19 12.02
CA GLN A 129 15.91 -14.67 13.24
C GLN A 129 14.76 -15.64 13.07
N PHE A 130 14.26 -15.65 11.84
CA PHE A 130 13.17 -16.50 11.38
C PHE A 130 13.51 -17.07 10.02
N PRO A 131 14.74 -17.62 9.94
CA PRO A 131 15.27 -18.27 8.76
C PRO A 131 14.44 -19.48 8.35
N GLU A 132 13.29 -19.62 8.99
CA GLU A 132 12.33 -20.59 8.67
C GLU A 132 11.44 -20.01 7.64
N TYR A 133 11.83 -18.85 7.11
CA TYR A 133 11.02 -18.42 6.01
C TYR A 133 11.72 -18.64 4.71
N VAL A 134 12.98 -18.84 4.84
CA VAL A 134 13.65 -19.02 3.58
C VAL A 134 13.94 -20.43 3.13
N ASN A 135 15.20 -20.89 3.43
CA ASN A 135 15.77 -22.22 3.14
C ASN A 135 14.86 -23.10 2.30
N LYS A 136 13.67 -23.36 2.92
CA LYS A 136 12.59 -24.15 2.34
C LYS A 136 12.25 -23.70 0.93
N GLY A 137 12.80 -22.52 0.54
CA GLY A 137 12.57 -21.91 -0.76
C GLY A 137 11.18 -21.26 -0.86
N GLN A 138 10.95 -20.35 0.07
CA GLN A 138 9.70 -19.65 0.18
C GLN A 138 9.67 -18.33 -0.53
N ASP A 139 8.87 -18.31 -1.57
CA ASP A 139 8.56 -17.11 -2.30
C ASP A 139 8.28 -15.91 -1.36
N PHE A 140 9.04 -14.84 -1.52
CA PHE A 140 8.84 -13.64 -0.76
C PHE A 140 8.27 -12.56 -1.67
N HIS A 141 7.18 -11.90 -1.24
CA HIS A 141 6.68 -10.75 -1.96
C HIS A 141 6.43 -9.61 -1.02
N ILE A 142 6.32 -8.38 -1.52
CA ILE A 142 5.95 -7.22 -0.70
C ILE A 142 4.74 -6.56 -1.29
N ALA A 143 3.91 -6.03 -0.44
CA ALA A 143 2.75 -5.40 -1.02
C ALA A 143 2.26 -4.18 -0.26
N GLY A 144 1.43 -3.39 -0.90
CA GLY A 144 0.91 -2.25 -0.23
C GLY A 144 0.00 -1.45 -1.11
N ALA A 145 -0.40 -0.35 -0.52
CA ALA A 145 -1.28 0.54 -1.20
C ALA A 145 -1.01 2.05 -1.02
N SER A 146 -1.62 2.87 -1.94
CA SER A 146 -1.50 4.28 -1.92
C SER A 146 -0.08 4.75 -2.04
N TYR A 147 0.41 5.35 -0.95
CA TYR A 147 1.71 5.93 -0.86
C TYR A 147 2.73 4.94 -0.99
N ALA A 148 2.38 3.70 -0.59
CA ALA A 148 3.29 2.55 -0.65
C ALA A 148 3.65 2.29 -2.06
N GLY A 149 2.95 3.02 -2.92
CA GLY A 149 3.12 2.98 -4.38
C GLY A 149 4.26 3.87 -4.89
N HIS A 150 4.97 4.52 -3.89
CA HIS A 150 6.21 5.33 -3.91
C HIS A 150 7.28 4.44 -3.25
N TYR A 151 6.96 3.96 -2.02
CA TYR A 151 7.83 3.07 -1.26
C TYR A 151 8.30 1.84 -2.00
N ILE A 152 7.26 1.13 -2.35
CA ILE A 152 7.36 -0.11 -2.98
C ILE A 152 8.43 -0.11 -4.05
N PRO A 153 8.38 0.67 -5.13
CA PRO A 153 9.43 0.45 -6.08
C PRO A 153 10.77 0.74 -5.53
N VAL A 154 10.83 1.89 -4.92
CA VAL A 154 12.06 2.26 -4.31
C VAL A 154 12.60 1.27 -3.32
N PHE A 155 11.77 0.71 -2.41
CA PHE A 155 12.20 -0.32 -1.45
C PHE A 155 12.72 -1.62 -2.09
N ALA A 156 12.08 -2.01 -3.16
CA ALA A 156 12.43 -3.09 -4.05
C ALA A 156 13.78 -2.92 -4.67
N SER A 157 14.01 -1.78 -5.27
CA SER A 157 15.34 -1.56 -5.90
C SER A 157 16.46 -1.87 -4.94
N GLU A 158 16.23 -1.16 -3.86
CA GLU A 158 16.99 -1.30 -2.72
C GLU A 158 17.28 -2.73 -2.42
N ILE A 159 16.26 -3.53 -2.20
CA ILE A 159 16.62 -4.85 -1.88
C ILE A 159 17.41 -5.60 -2.93
N LEU A 160 16.95 -5.45 -4.17
CA LEU A 160 17.64 -6.05 -5.27
C LEU A 160 19.01 -5.41 -5.47
N SER A 161 19.42 -4.61 -4.49
CA SER A 161 20.65 -3.94 -4.61
C SER A 161 21.76 -4.76 -4.11
N HIS A 162 21.42 -5.35 -3.01
CA HIS A 162 22.36 -6.19 -2.46
C HIS A 162 22.34 -7.51 -3.13
N LYS A 163 23.56 -7.92 -3.45
CA LYS A 163 23.87 -9.26 -3.96
C LYS A 163 24.29 -10.01 -2.68
N ASP A 164 24.69 -9.17 -1.70
CA ASP A 164 25.02 -9.47 -0.30
C ASP A 164 23.85 -10.23 0.38
N ARG A 165 22.67 -10.00 -0.19
CA ARG A 165 21.38 -10.41 0.33
C ARG A 165 21.27 -11.73 1.04
N ASN A 166 20.61 -11.65 2.17
CA ASN A 166 20.26 -12.75 3.07
C ASN A 166 18.87 -13.41 2.71
N PHE A 167 18.25 -12.95 1.60
CA PHE A 167 16.93 -13.44 1.13
C PHE A 167 16.64 -13.05 -0.35
N ASN A 168 15.56 -13.61 -0.93
CA ASN A 168 15.09 -13.32 -2.29
C ASN A 168 13.60 -12.75 -2.36
N LEU A 169 13.39 -11.76 -3.28
CA LEU A 169 12.09 -11.17 -3.53
C LEU A 169 11.48 -11.79 -4.78
N THR A 170 10.24 -12.20 -4.73
CA THR A 170 9.78 -12.79 -5.97
C THR A 170 8.84 -11.95 -6.85
N SER A 171 8.16 -11.00 -6.19
CA SER A 171 7.28 -10.05 -6.85
C SER A 171 6.79 -9.03 -5.87
N VAL A 172 5.97 -8.14 -6.45
CA VAL A 172 5.27 -7.05 -5.70
C VAL A 172 3.85 -6.67 -6.12
N LEU A 173 3.13 -6.35 -5.06
CA LEU A 173 1.81 -5.95 -5.26
C LEU A 173 1.53 -4.52 -4.75
N ILE A 174 1.02 -3.68 -5.66
CA ILE A 174 0.69 -2.35 -5.30
C ILE A 174 -0.80 -2.08 -5.53
N GLY A 175 -1.60 -1.80 -4.49
CA GLY A 175 -2.99 -1.49 -4.80
C GLY A 175 -3.41 -0.02 -4.46
N ASN A 176 -4.35 0.52 -5.19
CA ASN A 176 -4.80 1.91 -4.98
C ASN A 176 -3.64 2.92 -4.52
N GLY A 177 -2.55 2.84 -5.38
CA GLY A 177 -1.25 3.50 -5.13
C GLY A 177 -0.92 4.78 -5.90
N LEU A 178 -0.06 5.54 -5.35
CA LEU A 178 0.30 6.75 -6.02
C LEU A 178 1.73 6.49 -6.49
N THR A 179 1.92 6.43 -7.80
CA THR A 179 3.21 6.05 -8.37
C THR A 179 3.78 6.95 -9.42
N ASP A 180 2.98 7.28 -10.43
CA ASP A 180 3.49 8.16 -11.37
C ASP A 180 2.63 9.47 -11.51
N PRO A 181 2.77 10.34 -10.46
CA PRO A 181 1.94 11.49 -10.25
C PRO A 181 1.65 12.29 -11.50
N LEU A 182 2.74 12.37 -12.25
CA LEU A 182 2.71 13.19 -13.43
C LEU A 182 1.67 12.73 -14.39
N THR A 183 1.57 11.45 -14.51
CA THR A 183 0.57 10.83 -15.35
C THR A 183 -0.76 10.59 -14.58
N GLN A 184 -0.71 9.98 -13.36
CA GLN A 184 -1.96 9.78 -12.69
C GLN A 184 -2.73 11.09 -12.49
N TYR A 185 -2.05 12.12 -12.15
CA TYR A 185 -2.71 13.39 -11.95
C TYR A 185 -3.83 13.95 -12.85
N ASN A 186 -3.92 13.58 -14.09
CA ASN A 186 -5.02 14.11 -14.85
C ASN A 186 -6.19 13.23 -14.68
N TYR A 187 -6.01 12.14 -14.09
CA TYR A 187 -7.13 11.26 -13.94
C TYR A 187 -8.05 11.72 -12.86
N TYR A 188 -7.78 12.90 -12.38
CA TYR A 188 -8.59 13.38 -11.30
C TYR A 188 -10.00 13.78 -11.69
N GLU A 189 -10.06 14.75 -12.60
CA GLU A 189 -11.22 15.34 -13.10
C GLU A 189 -12.12 14.26 -13.74
N PRO A 190 -11.60 13.47 -14.70
CA PRO A 190 -12.39 12.45 -15.31
C PRO A 190 -12.98 11.55 -14.30
N MET A 191 -12.17 11.12 -13.43
CA MET A 191 -12.74 10.25 -12.44
C MET A 191 -13.82 10.86 -11.58
N ALA A 192 -13.76 12.16 -11.31
CA ALA A 192 -14.76 12.78 -10.47
C ALA A 192 -15.92 13.43 -11.25
N CYS A 193 -15.79 13.49 -12.58
CA CYS A 193 -16.82 14.06 -13.44
C CYS A 193 -17.57 13.09 -14.41
N GLY A 194 -17.93 11.95 -13.83
CA GLY A 194 -18.76 10.98 -14.51
C GLY A 194 -18.19 10.17 -15.62
N GLU A 195 -16.89 9.95 -15.53
CA GLU A 195 -16.26 9.08 -16.49
C GLU A 195 -15.60 7.85 -15.96
N GLY A 196 -15.83 7.33 -14.77
CA GLY A 196 -15.01 6.16 -14.32
C GLY A 196 -15.76 5.06 -13.59
N GLY A 197 -17.07 5.04 -13.77
CA GLY A 197 -17.99 4.08 -13.11
C GLY A 197 -19.13 4.88 -12.56
N GLU A 198 -19.00 5.28 -11.24
CA GLU A 198 -19.95 6.17 -10.62
C GLU A 198 -20.05 7.48 -11.34
N PRO A 199 -21.09 8.17 -11.04
CA PRO A 199 -21.33 9.34 -11.85
C PRO A 199 -20.84 10.63 -11.26
N SER A 200 -20.74 11.66 -12.19
CA SER A 200 -20.22 12.99 -11.92
C SER A 200 -20.66 13.43 -10.57
N VAL A 201 -19.66 13.77 -9.76
CA VAL A 201 -19.99 14.22 -8.45
C VAL A 201 -19.80 15.70 -8.37
N LEU A 202 -19.39 16.35 -9.43
CA LEU A 202 -19.09 17.75 -9.27
C LEU A 202 -19.72 18.51 -10.34
N PRO A 203 -20.25 19.75 -10.11
CA PRO A 203 -21.00 20.57 -11.10
C PRO A 203 -20.08 20.89 -12.21
N SER A 204 -20.59 21.25 -13.37
CA SER A 204 -19.68 21.33 -14.50
C SER A 204 -18.63 22.34 -14.33
N GLU A 205 -18.96 23.24 -13.47
CA GLU A 205 -18.18 24.42 -13.19
C GLU A 205 -16.95 24.09 -12.36
N GLU A 206 -17.12 23.19 -11.46
CA GLU A 206 -16.02 22.73 -10.75
C GLU A 206 -15.14 21.92 -11.72
N CYS A 207 -15.77 21.07 -12.47
CA CYS A 207 -15.08 20.33 -13.50
C CYS A 207 -14.23 21.16 -14.47
N SER A 208 -14.72 22.26 -15.02
CA SER A 208 -13.85 23.05 -15.87
C SER A 208 -12.71 23.59 -15.02
N ALA A 209 -12.99 23.82 -13.71
CA ALA A 209 -11.97 24.41 -12.90
C ALA A 209 -10.76 23.54 -12.88
N MET A 210 -11.01 22.24 -12.77
CA MET A 210 -9.96 21.29 -12.75
C MET A 210 -9.15 21.38 -13.98
N GLU A 211 -9.81 21.42 -15.14
CA GLU A 211 -9.11 21.56 -16.46
C GLU A 211 -8.24 22.81 -16.66
N ASP A 212 -8.62 23.94 -16.06
CA ASP A 212 -7.81 25.08 -16.23
C ASP A 212 -6.51 24.95 -15.46
N SER A 213 -6.73 24.63 -14.23
CA SER A 213 -5.77 24.29 -13.24
C SER A 213 -4.79 23.16 -13.62
N LEU A 214 -5.11 22.35 -14.61
CA LEU A 214 -4.27 21.23 -14.90
C LEU A 214 -2.89 21.45 -15.49
N GLU A 215 -2.92 22.06 -16.65
CA GLU A 215 -1.73 22.52 -17.36
C GLU A 215 -0.70 23.16 -16.37
N ARG A 216 -1.01 24.17 -15.62
CA ARG A 216 -0.10 24.64 -14.62
C ARG A 216 0.31 23.54 -13.59
N CYS A 217 -0.53 22.53 -13.33
CA CYS A 217 -0.05 21.65 -12.27
C CYS A 217 0.80 20.59 -12.79
N LEU A 218 0.53 20.21 -13.98
CA LEU A 218 1.41 19.25 -14.55
C LEU A 218 2.83 19.72 -14.87
N GLY A 219 3.04 20.97 -15.22
CA GLY A 219 4.45 21.41 -15.51
C GLY A 219 5.25 21.48 -14.24
N LEU A 220 4.51 21.70 -13.14
CA LEU A 220 5.09 21.73 -11.84
C LEU A 220 5.53 20.34 -11.55
N ILE A 221 4.71 19.34 -11.92
CA ILE A 221 5.17 17.92 -11.74
C ILE A 221 6.47 17.64 -12.46
N GLU A 222 6.40 17.99 -13.79
CA GLU A 222 7.54 17.94 -14.75
C GLU A 222 8.78 18.55 -14.16
N SER A 223 8.69 19.74 -13.61
CA SER A 223 9.88 20.31 -13.06
C SER A 223 10.38 19.52 -11.95
N CYS A 224 9.52 19.08 -11.17
CA CYS A 224 9.98 18.29 -10.08
C CYS A 224 10.72 16.97 -10.52
N TYR A 225 10.07 16.28 -11.47
CA TYR A 225 10.66 15.10 -12.04
C TYR A 225 11.99 15.36 -12.62
N ASP A 226 12.12 16.42 -13.29
CA ASP A 226 13.46 16.59 -13.91
C ASP A 226 14.52 17.20 -12.98
N SER A 227 14.05 17.87 -11.97
CA SER A 227 15.05 18.48 -11.11
C SER A 227 15.16 17.74 -9.83
N GLN A 228 14.06 17.13 -9.45
CA GLN A 228 14.03 16.57 -8.13
C GLN A 228 14.35 17.58 -7.05
N SER A 229 14.08 18.84 -7.25
CA SER A 229 14.37 19.78 -6.17
C SER A 229 13.21 20.18 -5.21
N VAL A 230 13.59 20.57 -4.04
CA VAL A 230 12.67 21.09 -3.05
C VAL A 230 11.92 22.22 -3.62
N TRP A 231 12.57 23.07 -4.43
CA TRP A 231 11.93 24.26 -4.94
C TRP A 231 10.84 24.11 -5.92
N SER A 232 10.63 22.92 -6.48
CA SER A 232 9.61 22.70 -7.51
C SER A 232 8.76 21.64 -6.98
N CYS A 233 9.37 20.77 -6.25
CA CYS A 233 8.57 19.67 -5.86
C CYS A 233 7.58 20.07 -4.82
N VAL A 234 8.00 20.85 -3.88
CA VAL A 234 7.01 21.19 -2.88
C VAL A 234 5.83 22.01 -3.43
N PRO A 235 6.05 23.04 -4.15
CA PRO A 235 4.95 23.77 -4.61
C PRO A 235 4.10 22.98 -5.56
N ALA A 236 4.70 22.00 -6.30
CA ALA A 236 3.99 21.15 -7.21
C ALA A 236 2.95 20.41 -6.46
N THR A 237 3.34 19.93 -5.31
CA THR A 237 2.44 19.26 -4.48
C THR A 237 1.25 20.09 -4.07
N ILE A 238 1.46 21.06 -3.25
CA ILE A 238 0.43 21.90 -2.81
C ILE A 238 -0.51 22.45 -3.88
N TYR A 239 0.05 22.99 -4.92
CA TYR A 239 -0.67 23.53 -6.06
C TYR A 239 -1.60 22.49 -6.62
N CYS A 240 -1.08 21.31 -6.89
CA CYS A 240 -1.85 20.21 -7.49
C CYS A 240 -2.91 19.60 -6.60
N ASN A 241 -2.57 19.30 -5.34
CA ASN A 241 -3.46 18.68 -4.40
C ASN A 241 -4.55 19.65 -4.22
N ASN A 242 -4.20 20.91 -4.56
CA ASN A 242 -5.13 21.95 -4.45
C ASN A 242 -6.15 22.04 -5.46
N ALA A 243 -5.74 22.32 -6.64
CA ALA A 243 -6.60 22.44 -7.83
C ALA A 243 -7.39 21.22 -8.07
N GLN A 244 -6.87 20.11 -7.49
CA GLN A 244 -7.32 18.79 -7.84
C GLN A 244 -7.88 18.01 -6.74
N LEU A 245 -7.26 18.01 -5.56
CA LEU A 245 -7.88 17.15 -4.56
C LEU A 245 -9.10 17.74 -3.89
N ALA A 246 -8.87 18.97 -3.62
CA ALA A 246 -9.80 19.81 -2.94
C ALA A 246 -11.28 19.75 -3.30
N PRO A 247 -11.65 20.03 -4.56
CA PRO A 247 -13.04 20.24 -4.87
C PRO A 247 -13.88 19.15 -4.54
N TYR A 248 -13.36 17.94 -4.77
CA TYR A 248 -14.01 16.69 -4.45
C TYR A 248 -14.26 16.72 -2.97
N GLN A 249 -13.19 17.14 -2.23
CA GLN A 249 -13.25 17.21 -0.81
C GLN A 249 -14.28 18.17 -0.39
N ARG A 250 -14.52 19.20 -1.17
CA ARG A 250 -15.58 20.05 -0.73
C ARG A 250 -16.86 19.29 -0.63
N THR A 251 -17.18 18.45 -1.64
CA THR A 251 -18.47 17.67 -1.64
C THR A 251 -18.54 16.93 -0.39
N GLY A 252 -17.42 16.55 0.08
CA GLY A 252 -17.48 15.70 1.25
C GLY A 252 -18.04 14.39 0.79
N ARG A 253 -17.33 13.63 -0.03
CA ARG A 253 -17.72 12.29 -0.44
C ARG A 253 -16.53 11.60 0.06
N ASN A 254 -16.57 10.40 0.56
CA ASN A 254 -15.33 9.77 0.99
C ASN A 254 -14.33 9.72 -0.23
N VAL A 255 -13.07 10.15 -0.03
CA VAL A 255 -11.96 10.27 -0.99
C VAL A 255 -11.46 8.85 -1.44
N TYR A 256 -11.83 7.86 -0.58
CA TYR A 256 -11.59 6.47 -0.71
C TYR A 256 -12.74 5.70 -1.32
N ASP A 257 -13.87 6.34 -1.65
CA ASP A 257 -15.02 5.63 -2.24
C ASP A 257 -16.03 6.67 -2.57
N ILE A 258 -16.06 7.01 -3.79
CA ILE A 258 -16.91 8.01 -4.27
C ILE A 258 -18.36 7.67 -4.00
N ARG A 259 -18.73 6.35 -3.80
CA ARG A 259 -20.13 5.80 -3.52
C ARG A 259 -20.71 6.27 -2.17
N LYS A 260 -19.94 6.02 -1.17
CA LYS A 260 -20.16 6.33 0.19
C LYS A 260 -19.69 7.74 0.45
N ASP A 261 -20.31 8.36 1.43
CA ASP A 261 -19.85 9.66 1.79
C ASP A 261 -18.95 9.59 3.06
N CYS A 262 -18.37 10.71 3.33
CA CYS A 262 -17.67 11.15 4.50
C CYS A 262 -17.56 12.64 4.18
N GLU A 263 -18.16 13.49 5.11
CA GLU A 263 -18.23 14.98 5.12
C GLU A 263 -17.02 15.44 5.95
N GLY A 264 -16.56 16.68 5.70
CA GLY A 264 -15.39 17.25 6.42
C GLY A 264 -15.23 17.01 7.96
N GLY A 265 -13.98 16.52 8.33
CA GLY A 265 -13.49 16.18 9.71
C GLY A 265 -13.53 14.65 10.11
N ASN A 266 -14.67 14.33 10.75
CA ASN A 266 -14.96 13.00 11.23
C ASN A 266 -14.62 11.93 10.20
N LEU A 267 -14.71 10.71 10.66
CA LEU A 267 -14.41 9.62 9.80
C LEU A 267 -15.15 9.38 8.50
N CYS A 268 -14.28 8.92 7.60
CA CYS A 268 -14.62 8.54 6.26
C CYS A 268 -14.89 7.07 6.33
N TYR A 269 -14.44 6.54 7.49
CA TYR A 269 -14.58 5.15 7.96
C TYR A 269 -14.40 5.24 9.43
N PRO A 270 -15.46 5.09 10.20
CA PRO A 270 -15.38 5.28 11.64
C PRO A 270 -14.69 4.12 12.40
N THR A 271 -15.03 2.87 12.02
CA THR A 271 -14.56 1.66 12.66
C THR A 271 -13.08 1.73 13.00
N LEU A 272 -12.35 2.57 12.23
CA LEU A 272 -10.91 2.80 12.43
C LEU A 272 -10.67 3.36 13.80
N GLN A 273 -11.53 4.30 14.16
CA GLN A 273 -11.43 4.89 15.43
C GLN A 273 -11.47 3.79 16.47
N ASP A 274 -12.30 2.75 16.20
CA ASP A 274 -12.27 1.66 17.15
C ASP A 274 -10.88 0.99 17.16
N ILE A 275 -10.33 0.83 15.98
CA ILE A 275 -9.00 0.24 15.90
C ILE A 275 -7.92 0.94 16.71
N ASP A 276 -7.83 2.28 16.61
CA ASP A 276 -6.81 3.01 17.38
C ASP A 276 -7.10 2.74 18.89
N ASP A 277 -8.32 2.28 19.12
CA ASP A 277 -8.76 1.93 20.42
C ASP A 277 -8.18 0.59 20.94
N TYR A 278 -8.57 -0.54 20.36
CA TYR A 278 -8.01 -1.85 20.78
C TYR A 278 -6.41 -1.93 20.96
N LEU A 279 -5.66 -1.02 20.29
CA LEU A 279 -4.19 -0.97 20.29
C LEU A 279 -3.61 -0.26 21.48
N ASN A 280 -4.33 0.70 21.98
CA ASN A 280 -3.88 1.46 23.13
C ASN A 280 -4.23 0.83 24.43
N GLN A 281 -5.28 -0.05 24.40
CA GLN A 281 -5.81 -0.72 25.59
C GLN A 281 -4.64 -1.39 26.26
N ASP A 282 -4.74 -1.52 27.58
CA ASP A 282 -3.64 -2.08 28.35
C ASP A 282 -3.24 -3.53 28.11
N TYR A 283 -4.23 -4.42 28.02
CA TYR A 283 -3.88 -5.78 27.68
C TYR A 283 -3.21 -5.80 26.29
N VAL A 284 -3.99 -5.38 25.26
CA VAL A 284 -3.49 -5.33 23.89
C VAL A 284 -2.06 -4.79 23.75
N LYS A 285 -1.82 -3.62 24.25
CA LYS A 285 -0.51 -3.05 24.18
C LYS A 285 0.61 -3.92 24.76
N GLU A 286 0.25 -4.76 25.77
CA GLU A 286 1.10 -5.66 26.61
C GLU A 286 1.74 -6.90 25.98
N ALA A 287 0.87 -7.65 25.35
CA ALA A 287 1.17 -8.94 24.75
C ALA A 287 2.24 -8.82 23.71
N VAL A 288 2.09 -7.72 22.99
CA VAL A 288 2.88 -7.32 21.86
C VAL A 288 4.22 -6.92 22.34
N GLY A 289 4.19 -6.46 23.59
CA GLY A 289 5.38 -6.01 24.30
C GLY A 289 6.07 -4.93 23.51
N ALA A 290 5.25 -3.95 23.18
CA ALA A 290 5.65 -2.83 22.42
C ALA A 290 6.08 -1.76 23.39
N GLU A 291 7.32 -1.26 23.18
CA GLU A 291 8.02 -0.29 24.00
C GLU A 291 7.60 1.21 23.83
N VAL A 292 6.41 1.43 23.29
CA VAL A 292 5.88 2.77 23.11
C VAL A 292 4.80 3.10 24.13
N ASP A 293 4.48 4.38 24.34
CA ASP A 293 3.45 4.75 25.32
C ASP A 293 2.09 5.16 24.72
N HIS A 294 2.06 5.57 23.46
CA HIS A 294 0.79 5.99 22.90
C HIS A 294 0.68 5.65 21.42
N TYR A 295 -0.26 4.80 21.05
CA TYR A 295 -0.36 4.48 19.66
C TYR A 295 -1.31 5.34 18.83
N GLU A 296 -0.74 6.02 17.91
CA GLU A 296 -1.45 6.82 16.95
C GLU A 296 -1.41 6.14 15.57
N SER A 297 -2.47 6.35 14.81
CA SER A 297 -2.45 5.76 13.54
C SER A 297 -1.42 6.30 12.54
N CYS A 298 -1.42 7.63 12.30
CA CYS A 298 -0.51 8.39 11.45
C CYS A 298 0.18 9.46 12.29
N ASN A 299 1.48 9.63 12.07
CA ASN A 299 2.22 10.61 12.75
C ASN A 299 2.34 11.92 11.95
N PHE A 300 1.47 12.93 12.22
CA PHE A 300 1.50 14.29 11.56
C PHE A 300 2.87 14.72 11.05
N ASP A 301 3.86 14.61 11.92
CA ASP A 301 5.15 15.13 11.56
C ASP A 301 5.71 14.50 10.38
N ILE A 302 5.84 13.15 10.47
CA ILE A 302 6.48 12.48 9.36
C ILE A 302 5.82 12.97 8.07
N ASN A 303 4.47 12.91 8.03
CA ASN A 303 3.70 13.41 6.88
C ASN A 303 4.22 14.78 6.43
N ARG A 304 4.29 15.66 7.46
CA ARG A 304 4.70 17.01 7.15
C ARG A 304 6.09 17.00 6.51
N ASN A 305 7.00 16.26 7.14
CA ASN A 305 8.28 16.24 6.54
C ASN A 305 8.33 15.68 5.22
N PHE A 306 7.50 14.68 4.95
CA PHE A 306 7.58 14.13 3.63
C PHE A 306 7.21 15.20 2.64
N LEU A 307 6.04 15.75 2.83
CA LEU A 307 5.54 16.91 2.12
C LEU A 307 6.55 18.01 2.06
N PHE A 308 7.22 18.30 3.19
CA PHE A 308 8.22 19.35 3.14
C PHE A 308 9.55 19.02 2.51
N ALA A 309 9.67 17.83 1.99
CA ALA A 309 10.89 17.36 1.40
C ALA A 309 10.75 17.13 -0.15
N GLY A 310 9.63 17.34 -0.72
CA GLY A 310 9.52 17.17 -2.15
C GLY A 310 8.86 15.79 -2.53
N ASP A 311 8.91 14.87 -1.61
CA ASP A 311 8.44 13.52 -1.75
C ASP A 311 7.36 13.17 -2.72
N TRP A 312 6.18 13.46 -2.33
CA TRP A 312 5.00 13.09 -3.01
C TRP A 312 5.09 13.19 -4.48
N MET A 313 5.94 14.12 -4.93
CA MET A 313 6.00 14.44 -6.32
C MET A 313 7.24 13.92 -7.17
N LYS A 314 8.15 13.14 -6.58
CA LYS A 314 9.31 12.60 -7.24
C LYS A 314 8.94 11.36 -8.05
N PRO A 315 9.69 11.10 -9.18
CA PRO A 315 9.34 10.09 -10.16
C PRO A 315 9.86 8.71 -9.76
N TYR A 316 9.12 8.12 -8.84
CA TYR A 316 9.46 6.81 -8.40
C TYR A 316 8.97 5.78 -9.40
N HIS A 317 8.06 6.18 -10.29
CA HIS A 317 7.69 5.27 -11.33
C HIS A 317 8.93 4.86 -12.16
N THR A 318 10.03 5.57 -12.09
CA THR A 318 11.23 5.16 -12.88
C THR A 318 11.74 3.75 -12.46
N ALA A 319 11.88 3.49 -11.17
CA ALA A 319 12.23 2.16 -10.70
C ALA A 319 11.42 1.01 -11.31
N VAL A 320 10.11 1.16 -11.46
CA VAL A 320 9.30 0.12 -12.11
C VAL A 320 9.87 -0.38 -13.52
N THR A 321 10.46 0.53 -14.32
CA THR A 321 11.09 0.07 -15.54
C THR A 321 12.32 -0.83 -15.23
N ASP A 322 13.15 -0.45 -14.28
CA ASP A 322 14.27 -1.33 -13.98
C ASP A 322 13.80 -2.63 -13.46
N LEU A 323 12.86 -2.58 -12.58
CA LEU A 323 12.29 -3.80 -12.10
C LEU A 323 11.78 -4.69 -13.25
N LEU A 324 10.83 -4.15 -14.03
CA LEU A 324 10.25 -4.81 -15.17
C LEU A 324 11.39 -5.29 -16.04
N ASN A 325 12.36 -4.36 -16.13
CA ASN A 325 13.52 -4.75 -16.91
C ASN A 325 14.32 -5.79 -16.15
N GLN A 326 14.18 -5.99 -14.87
CA GLN A 326 15.04 -7.08 -14.40
C GLN A 326 14.27 -8.32 -14.10
N ASP A 327 13.33 -8.63 -14.97
CA ASP A 327 12.34 -9.71 -14.86
C ASP A 327 11.55 -9.93 -13.57
N LEU A 328 11.13 -8.86 -12.96
CA LEU A 328 10.39 -8.96 -11.69
C LEU A 328 8.95 -8.79 -11.96
N PRO A 329 8.21 -9.91 -11.98
CA PRO A 329 6.77 -9.87 -12.19
C PRO A 329 6.12 -8.86 -11.21
N ILE A 330 5.17 -8.09 -11.79
CA ILE A 330 4.51 -7.01 -11.01
C ILE A 330 3.02 -6.85 -11.15
N LEU A 331 2.36 -6.68 -10.02
CA LEU A 331 0.88 -6.43 -9.99
C LEU A 331 0.47 -5.13 -9.26
N VAL A 332 -0.16 -4.39 -10.16
CA VAL A 332 -0.82 -3.14 -10.03
C VAL A 332 -2.32 -3.46 -10.17
N TYR A 333 -3.08 -3.37 -9.10
CA TYR A 333 -4.48 -3.54 -9.12
C TYR A 333 -5.14 -2.39 -8.46
N ALA A 334 -6.35 -2.01 -8.82
CA ALA A 334 -7.02 -0.87 -8.18
C ALA A 334 -8.52 -1.09 -7.95
N GLY A 335 -9.18 -0.81 -6.77
CA GLY A 335 -10.64 -0.91 -6.63
C GLY A 335 -11.18 0.24 -7.50
N ASP A 336 -12.02 0.02 -8.41
CA ASP A 336 -12.45 1.11 -9.26
C ASP A 336 -13.29 2.16 -8.59
N LYS A 337 -13.44 2.13 -7.21
CA LYS A 337 -14.42 3.03 -6.49
C LYS A 337 -13.75 4.03 -5.58
N ASP A 338 -12.45 4.04 -5.67
CA ASP A 338 -11.66 5.01 -5.03
C ASP A 338 -11.33 6.21 -5.97
N PHE A 339 -11.30 7.42 -5.35
CA PHE A 339 -10.97 8.63 -6.00
C PHE A 339 -9.40 8.96 -5.83
N ILE A 340 -8.92 8.88 -4.58
CA ILE A 340 -7.57 9.20 -4.25
C ILE A 340 -6.50 8.62 -5.13
N CYS A 341 -6.69 7.32 -5.45
CA CYS A 341 -5.84 6.54 -6.38
C CYS A 341 -6.57 5.73 -7.49
N ASN A 342 -7.55 6.38 -8.18
CA ASN A 342 -8.30 5.90 -9.32
C ASN A 342 -7.63 4.78 -10.09
N TRP A 343 -8.42 3.84 -10.55
CA TRP A 343 -7.99 2.83 -11.45
C TRP A 343 -7.89 3.55 -12.79
N LEU A 344 -8.54 4.68 -12.95
CA LEU A 344 -8.36 5.39 -14.22
C LEU A 344 -6.93 5.78 -14.39
N GLY A 345 -6.52 6.44 -13.35
CA GLY A 345 -5.21 6.88 -13.20
C GLY A 345 -4.27 5.71 -13.22
N ASN A 346 -4.37 4.77 -12.29
CA ASN A 346 -3.41 3.71 -12.33
C ASN A 346 -3.35 2.89 -13.58
N LYS A 347 -4.40 2.85 -14.42
CA LYS A 347 -4.29 2.04 -15.62
C LYS A 347 -3.27 2.63 -16.56
N ALA A 348 -3.56 3.92 -16.81
CA ALA A 348 -2.80 4.65 -17.77
C ALA A 348 -1.37 4.85 -17.46
N TRP A 349 -0.99 4.92 -16.19
CA TRP A 349 0.40 5.06 -15.99
C TRP A 349 1.07 3.78 -16.41
N THR A 350 0.52 2.73 -16.00
CA THR A 350 0.92 1.38 -16.38
C THR A 350 0.86 1.35 -17.94
N ASP A 351 -0.27 1.75 -18.52
CA ASP A 351 -0.36 1.68 -19.95
C ASP A 351 0.68 2.45 -20.68
N VAL A 352 1.48 3.28 -20.01
CA VAL A 352 2.58 3.98 -20.73
C VAL A 352 3.93 3.93 -20.07
N LEU A 353 4.04 3.08 -19.11
CA LEU A 353 5.29 3.03 -18.46
C LEU A 353 6.22 2.49 -19.45
N PRO A 354 7.51 2.64 -19.27
CA PRO A 354 8.49 2.04 -20.19
C PRO A 354 9.19 0.86 -19.54
N TRP A 355 9.56 -0.11 -20.42
CA TRP A 355 10.20 -1.37 -20.08
C TRP A 355 10.34 -2.24 -21.43
N LYS A 356 11.12 -3.33 -21.51
CA LYS A 356 11.24 -4.05 -22.84
C LYS A 356 9.95 -4.42 -23.60
N TYR A 357 8.94 -4.87 -22.91
CA TYR A 357 7.69 -5.30 -23.49
C TYR A 357 6.60 -4.21 -23.70
N ASP A 358 7.05 -2.98 -23.46
CA ASP A 358 6.49 -1.72 -23.88
C ASP A 358 5.47 -1.90 -25.00
N GLU A 359 5.90 -1.92 -26.31
CA GLU A 359 4.93 -2.09 -27.45
C GLU A 359 3.97 -3.29 -27.27
N GLU A 360 4.49 -4.40 -26.82
CA GLU A 360 3.63 -5.53 -26.48
C GLU A 360 2.51 -5.13 -25.47
N PHE A 361 2.82 -4.89 -24.14
CA PHE A 361 1.80 -4.45 -23.19
C PHE A 361 0.74 -3.46 -23.76
N ALA A 362 1.16 -2.49 -24.53
CA ALA A 362 0.24 -1.55 -25.15
C ALA A 362 -0.50 -2.22 -26.26
N SER A 363 -0.04 -3.37 -26.64
CA SER A 363 -0.82 -4.11 -27.64
C SER A 363 -1.83 -5.08 -27.00
N GLN A 364 -1.53 -5.58 -25.76
CA GLN A 364 -2.40 -6.55 -25.11
C GLN A 364 -3.84 -6.09 -25.11
N LYS A 365 -4.77 -6.99 -24.81
CA LYS A 365 -6.18 -6.63 -24.75
C LYS A 365 -6.86 -6.95 -23.43
N VAL A 366 -7.71 -5.99 -23.06
CA VAL A 366 -8.38 -6.00 -21.87
C VAL A 366 -9.25 -7.22 -21.76
N ARG A 367 -9.24 -7.85 -20.58
CA ARG A 367 -10.11 -8.98 -20.52
C ARG A 367 -10.80 -9.14 -19.23
N ASN A 368 -12.12 -9.40 -19.32
CA ASN A 368 -12.85 -9.69 -18.08
C ASN A 368 -12.27 -10.91 -17.42
N TRP A 369 -12.00 -10.79 -16.12
CA TRP A 369 -11.36 -11.73 -15.18
C TRP A 369 -12.31 -12.24 -14.12
N THR A 370 -12.40 -13.57 -13.97
CA THR A 370 -13.29 -14.17 -12.99
C THR A 370 -12.60 -14.56 -11.77
N ALA A 371 -13.26 -14.37 -10.69
CA ALA A 371 -12.63 -14.72 -9.49
C ALA A 371 -12.72 -16.19 -9.18
N SER A 372 -11.52 -16.60 -8.87
CA SER A 372 -11.14 -17.89 -8.42
C SER A 372 -12.20 -18.52 -7.58
N ILE A 373 -12.52 -17.83 -6.52
CA ILE A 373 -13.48 -18.30 -5.53
C ILE A 373 -14.92 -18.19 -5.90
N THR A 374 -15.40 -16.95 -5.91
CA THR A 374 -16.79 -16.71 -6.16
C THR A 374 -17.23 -16.96 -7.59
N ASP A 375 -16.32 -17.32 -8.50
CA ASP A 375 -16.81 -17.56 -9.84
C ASP A 375 -17.65 -16.39 -10.46
N GLU A 376 -17.34 -15.17 -10.18
CA GLU A 376 -18.05 -14.14 -10.87
C GLU A 376 -17.00 -13.22 -11.41
N VAL A 377 -17.31 -12.50 -12.55
CA VAL A 377 -16.40 -11.53 -13.08
C VAL A 377 -16.07 -10.64 -11.92
N ALA A 378 -14.83 -10.29 -11.80
CA ALA A 378 -14.51 -9.58 -10.61
C ALA A 378 -13.73 -8.29 -10.88
N GLY A 379 -13.26 -8.14 -12.09
CA GLY A 379 -12.47 -6.99 -12.45
C GLY A 379 -12.03 -6.93 -13.91
N GLU A 380 -10.91 -6.31 -14.24
CA GLU A 380 -10.63 -6.24 -15.66
C GLU A 380 -9.18 -6.25 -16.00
N VAL A 381 -8.77 -7.33 -16.74
CA VAL A 381 -7.39 -7.60 -17.13
C VAL A 381 -6.74 -6.95 -18.37
N LYS A 382 -5.36 -6.79 -18.22
CA LYS A 382 -4.27 -6.34 -19.12
C LYS A 382 -3.06 -7.06 -18.61
N SER A 383 -2.71 -8.16 -19.28
CA SER A 383 -1.61 -9.00 -18.86
C SER A 383 -0.44 -9.15 -19.86
N TYR A 384 0.79 -9.01 -19.43
CA TYR A 384 1.88 -9.22 -20.35
C TYR A 384 3.11 -9.59 -19.62
N LYS A 385 3.48 -10.84 -19.86
CA LYS A 385 4.60 -11.42 -19.19
C LYS A 385 4.35 -11.18 -17.75
N HIS A 386 5.36 -10.64 -17.06
CA HIS A 386 5.24 -10.44 -15.63
C HIS A 386 4.80 -9.06 -15.16
N PHE A 387 4.00 -8.40 -16.05
CA PHE A 387 3.42 -7.09 -15.82
C PHE A 387 1.94 -7.13 -16.12
N THR A 388 1.17 -6.81 -15.06
CA THR A 388 -0.25 -6.90 -15.17
C THR A 388 -1.00 -5.86 -14.46
N TYR A 389 -1.99 -5.36 -15.14
CA TYR A 389 -2.85 -4.35 -14.58
C TYR A 389 -4.30 -4.78 -14.53
N LEU A 390 -4.77 -4.97 -13.27
CA LEU A 390 -6.09 -5.45 -12.89
C LEU A 390 -7.07 -4.31 -12.36
N ARG A 391 -8.18 -3.98 -13.10
CA ARG A 391 -9.18 -3.08 -12.56
C ARG A 391 -10.10 -3.98 -11.74
N VAL A 392 -10.17 -3.77 -10.45
CA VAL A 392 -10.94 -4.60 -9.57
C VAL A 392 -12.35 -4.03 -9.46
N PHE A 393 -13.37 -4.75 -9.91
CA PHE A 393 -14.74 -4.24 -9.88
C PHE A 393 -15.20 -4.19 -8.46
N ASN A 394 -15.98 -3.17 -8.13
CA ASN A 394 -16.54 -2.90 -6.80
C ASN A 394 -15.54 -2.75 -5.73
N GLY A 395 -14.36 -2.24 -6.16
CA GLY A 395 -13.17 -1.92 -5.29
C GLY A 395 -13.08 -0.41 -4.85
N GLY A 396 -12.87 -0.21 -3.57
CA GLY A 396 -12.68 1.14 -3.06
C GLY A 396 -11.25 1.22 -2.50
N HIS A 397 -10.85 2.32 -1.92
CA HIS A 397 -9.47 2.47 -1.41
C HIS A 397 -8.74 1.27 -0.83
N MET A 398 -9.47 0.36 -0.25
CA MET A 398 -8.83 -0.83 0.29
C MET A 398 -9.61 -1.97 -0.27
N VAL A 399 -9.14 -2.50 -1.34
CA VAL A 399 -9.92 -3.45 -2.02
C VAL A 399 -10.31 -4.58 -1.13
N PRO A 400 -9.36 -5.06 -0.26
CA PRO A 400 -9.64 -6.17 0.61
C PRO A 400 -10.55 -5.87 1.66
N PHE A 401 -11.25 -4.72 1.64
CA PHE A 401 -12.14 -4.47 2.72
C PHE A 401 -13.45 -4.44 2.16
N ASP A 402 -13.58 -3.79 1.04
CA ASP A 402 -14.88 -3.79 0.38
C ASP A 402 -15.26 -5.24 -0.11
N VAL A 403 -14.43 -5.87 -1.02
CA VAL A 403 -14.69 -7.21 -1.48
C VAL A 403 -13.59 -8.19 -1.18
N PRO A 404 -13.62 -8.75 0.04
CA PRO A 404 -12.62 -9.64 0.54
C PRO A 404 -12.52 -10.93 -0.19
N GLU A 405 -13.64 -11.41 -0.69
CA GLU A 405 -13.62 -12.68 -1.39
C GLU A 405 -12.69 -12.56 -2.58
N ASN A 406 -13.07 -11.59 -3.36
CA ASN A 406 -12.36 -11.24 -4.55
C ASN A 406 -10.85 -10.95 -4.33
N ALA A 407 -10.54 -10.11 -3.33
CA ALA A 407 -9.13 -9.83 -3.01
C ALA A 407 -8.25 -11.09 -2.90
N LEU A 408 -8.69 -11.98 -2.00
CA LEU A 408 -7.97 -13.19 -1.76
C LEU A 408 -8.01 -13.93 -3.04
N SER A 409 -9.09 -13.82 -3.73
CA SER A 409 -9.11 -14.48 -4.99
C SER A 409 -7.99 -13.94 -5.90
N MET A 410 -7.90 -12.62 -6.05
CA MET A 410 -6.85 -11.96 -6.83
C MET A 410 -5.53 -12.31 -6.23
N VAL A 411 -5.51 -12.21 -4.89
CA VAL A 411 -4.33 -12.46 -4.22
C VAL A 411 -3.82 -13.78 -4.48
N ASN A 412 -4.40 -14.79 -3.92
CA ASN A 412 -3.88 -16.12 -4.00
C ASN A 412 -3.53 -16.61 -5.38
N GLU A 413 -4.45 -16.46 -6.30
CA GLU A 413 -4.19 -16.87 -7.66
C GLU A 413 -2.97 -16.15 -8.26
N TRP A 414 -2.48 -15.08 -7.65
CA TRP A 414 -1.33 -14.33 -8.19
C TRP A 414 -0.30 -14.92 -7.37
N ILE A 415 -0.37 -14.78 -6.02
CA ILE A 415 0.60 -15.42 -5.11
C ILE A 415 0.93 -16.83 -5.59
N HIS A 416 -0.14 -17.64 -5.93
CA HIS A 416 0.00 -19.05 -6.39
C HIS A 416 -0.13 -19.34 -7.95
N GLY A 417 -1.10 -18.81 -8.68
CA GLY A 417 -1.28 -19.08 -10.11
C GLY A 417 -0.21 -18.60 -11.11
N GLY A 418 1.02 -18.50 -10.67
CA GLY A 418 2.08 -18.18 -11.64
C GLY A 418 2.27 -16.74 -12.15
N PHE A 419 1.98 -15.71 -11.30
CA PHE A 419 2.23 -14.31 -11.63
C PHE A 419 1.58 -13.86 -12.92
N SER A 420 0.38 -14.43 -13.10
CA SER A 420 -0.44 -14.05 -14.21
C SER A 420 -1.84 -14.07 -13.70
N LEU A 421 -2.66 -13.27 -14.41
CA LEU A 421 -4.08 -13.16 -14.18
C LEU A 421 -4.94 -13.71 -15.27
C1 NAG B . -4.68 -23.42 0.89
C2 NAG B . -4.67 -23.99 -0.59
C3 NAG B . -5.91 -24.87 -1.02
C4 NAG B . -6.47 -25.64 0.18
C5 NAG B . -6.76 -24.78 1.42
C6 NAG B . -6.63 -25.66 2.69
C7 NAG B . -4.56 -22.92 -2.89
C8 NAG B . -4.05 -21.73 -3.65
N2 NAG B . -4.08 -23.08 -1.63
O3 NAG B . -5.55 -25.86 -2.01
O4 NAG B . -7.68 -26.37 -0.14
O5 NAG B . -5.98 -23.52 1.54
O6 NAG B . -6.45 -27.08 2.95
O7 NAG B . -5.39 -23.66 -3.46
C1 NAG C . 19.13 -15.73 -2.74
C2 NAG C . 19.85 -16.33 -3.99
C3 NAG C . 20.50 -17.68 -3.50
C4 NAG C . 20.91 -17.59 -1.98
C5 NAG C . 19.68 -17.32 -1.07
C6 NAG C . 20.00 -16.25 -0.01
C7 NAG C . 19.16 -16.65 -6.56
C8 NAG C . 20.05 -17.84 -6.96
N2 NAG C . 18.91 -16.41 -5.21
O3 NAG C . 21.62 -18.03 -4.36
O4 NAG C . 21.56 -18.80 -1.50
O5 NAG C . 18.61 -16.79 -1.88
O6 NAG C . 20.86 -15.09 0.17
O7 NAG C . 18.59 -16.09 -7.56
C1 NAG D . -17.34 -8.36 -20.72
C2 NAG D . -18.79 -8.50 -20.27
C3 NAG D . -19.61 -8.99 -21.45
C4 NAG D . -18.78 -8.82 -22.76
C5 NAG D . -17.43 -9.57 -22.71
C6 NAG D . -16.36 -8.81 -23.47
C7 NAG D . -20.18 -9.66 -18.53
C8 NAG D . -21.38 -8.84 -18.84
N2 NAG D . -18.96 -9.27 -19.01
O3 NAG D . -20.81 -8.19 -21.52
O4 NAG D . -19.50 -9.26 -23.91
O5 NAG D . -16.97 -9.57 -21.37
O6 NAG D . -15.27 -8.50 -24.32
O7 NAG D . -20.45 -10.70 -17.92
#